data_1DEK
#
_entry.id   1DEK
#
_cell.length_a   155.200
_cell.length_b   58.500
_cell.length_c   75.700
_cell.angle_alpha   90.00
_cell.angle_beta   108.10
_cell.angle_gamma   90.00
#
_symmetry.space_group_name_H-M   'C 1 2 1'
#
loop_
_entity.id
_entity.type
_entity.pdbx_description
1 polymer 'DEOXYNUCLEOSIDE MONOPHOSPHATE KINASE'
2 non-polymer 'MAGNESIUM ION'
3 non-polymer "2'-DEOXYGUANOSINE-5'-MONOPHOSPHATE"
4 water water
#
_entity_poly.entity_id   1
_entity_poly.type   'polypeptide(L)'
_entity_poly.pdbx_seq_one_letter_code
;MKLIFLSGVKRSGKDTTADFIMSNYSAVKYQLAGPIKDALAYAWGVFAANTDYP(OCS)LTRKEFEGIDYDRETNLNLTK
LEVITIMEQAFCYLNGKSPIKGVFVFDDEGKESVNFVAFNKITDVINNIEDQWSVRRLMQALGTDLIVNNFDRMYWVKLF
ALDYLDKFNSGYDYYIVPDTRQDHEMDAARAMGATVIHVVRPGQKSNDTHITEAGLPIRDGDLVITNDGSLEELFSKIKN
TLKVL
;
_entity_poly.pdbx_strand_id   A,B
#
loop_
_chem_comp.id
_chem_comp.type
_chem_comp.name
_chem_comp.formula
DGP non-polymer 2'-DEOXYGUANOSINE-5'-MONOPHOSPHATE 'C10 H14 N5 O7 P'
MG non-polymer 'MAGNESIUM ION' 'Mg 2'
#
# COMPACT_ATOMS: atom_id res chain seq x y z
N MET A 1 0.27 18.89 2.25
CA MET A 1 -0.59 18.29 1.20
C MET A 1 -1.96 17.89 1.75
N LYS A 2 -3.00 18.24 1.01
CA LYS A 2 -4.37 17.87 1.36
C LYS A 2 -4.86 16.79 0.37
N LEU A 3 -5.30 15.67 0.85
CA LEU A 3 -5.76 14.52 0.14
C LEU A 3 -7.26 14.68 -0.11
N ILE A 4 -7.65 14.72 -1.37
CA ILE A 4 -9.08 14.83 -1.72
C ILE A 4 -9.54 13.64 -2.55
N PHE A 5 -10.65 13.02 -2.17
CA PHE A 5 -11.26 11.94 -2.95
C PHE A 5 -12.53 12.48 -3.62
N LEU A 6 -12.64 12.42 -4.95
CA LEU A 6 -13.86 12.95 -5.59
C LEU A 6 -14.81 11.78 -5.89
N SER A 7 -16.07 12.03 -5.86
CA SER A 7 -17.18 11.12 -6.09
C SER A 7 -18.27 11.78 -6.95
N GLY A 8 -18.70 11.10 -8.00
CA GLY A 8 -19.73 11.58 -8.90
C GLY A 8 -20.02 10.57 -10.02
N VAL A 9 -21.31 10.43 -10.39
CA VAL A 9 -21.60 9.48 -11.50
C VAL A 9 -21.16 10.09 -12.81
N LYS A 10 -21.23 9.31 -13.89
CA LYS A 10 -20.83 9.84 -15.21
C LYS A 10 -21.67 11.08 -15.56
N ARG A 11 -21.09 12.09 -16.19
CA ARG A 11 -21.75 13.32 -16.53
C ARG A 11 -22.43 14.10 -15.43
N SER A 12 -21.95 14.04 -14.20
CA SER A 12 -22.54 14.75 -13.06
C SER A 12 -21.90 16.12 -12.85
N GLY A 13 -20.73 16.31 -13.43
CA GLY A 13 -19.91 17.48 -13.26
C GLY A 13 -18.63 17.18 -12.46
N LYS A 14 -18.50 15.94 -12.00
CA LYS A 14 -17.34 15.48 -11.26
C LYS A 14 -16.11 15.57 -12.10
N ASP A 15 -16.14 15.13 -13.37
CA ASP A 15 -14.93 15.20 -14.20
C ASP A 15 -14.47 16.62 -14.47
N THR A 16 -15.43 17.52 -14.52
CA THR A 16 -15.17 18.94 -14.78
C THR A 16 -14.44 19.56 -13.57
N THR A 17 -14.93 19.22 -12.39
CA THR A 17 -14.33 19.64 -11.12
C THR A 17 -12.90 19.14 -11.08
N ALA A 18 -12.67 17.84 -11.34
CA ALA A 18 -11.33 17.31 -11.36
C ALA A 18 -10.39 18.14 -12.22
N ASP A 19 -10.85 18.48 -13.41
CA ASP A 19 -10.01 19.24 -14.33
C ASP A 19 -9.84 20.68 -13.89
N PHE A 20 -10.88 21.23 -13.30
CA PHE A 20 -10.79 22.61 -12.80
C PHE A 20 -9.66 22.67 -11.75
N ILE A 21 -9.69 21.70 -10.85
CA ILE A 21 -8.70 21.61 -9.76
C ILE A 21 -7.33 21.38 -10.34
N MET A 22 -7.21 20.44 -11.28
CA MET A 22 -5.87 20.18 -11.81
C MET A 22 -5.28 21.36 -12.55
N SER A 23 -6.10 22.28 -13.07
CA SER A 23 -5.48 23.33 -13.86
C SER A 23 -5.38 24.65 -13.16
N ASN A 24 -6.09 24.78 -12.05
CA ASN A 24 -6.07 25.99 -11.27
C ASN A 24 -5.29 25.91 -9.97
N TYR A 25 -4.80 24.74 -9.58
CA TYR A 25 -4.06 24.53 -8.38
C TYR A 25 -2.85 23.63 -8.57
N SER A 26 -2.00 23.63 -7.52
CA SER A 26 -0.82 22.77 -7.53
C SER A 26 -1.36 21.42 -7.00
N ALA A 27 -1.55 20.49 -7.92
CA ALA A 27 -2.19 19.23 -7.53
C ALA A 27 -1.54 18.13 -8.33
N VAL A 28 -1.53 16.99 -7.71
CA VAL A 28 -0.95 15.80 -8.33
C VAL A 28 -2.15 14.85 -8.34
N LYS A 29 -2.33 14.05 -9.36
CA LYS A 29 -3.54 13.19 -9.38
C LYS A 29 -3.16 11.74 -9.29
N TYR A 30 -4.04 10.92 -8.76
CA TYR A 30 -3.82 9.49 -8.73
C TYR A 30 -5.17 8.81 -9.04
N GLN A 31 -5.12 7.95 -10.10
CA GLN A 31 -6.35 7.26 -10.49
C GLN A 31 -6.37 5.84 -9.93
N LEU A 32 -7.39 5.54 -9.14
CA LEU A 32 -7.54 4.20 -8.60
C LEU A 32 -7.56 3.13 -9.71
N ALA A 33 -8.17 3.44 -10.83
CA ALA A 33 -8.23 2.52 -11.97
C ALA A 33 -7.01 2.64 -12.86
N GLY A 34 -6.01 3.46 -12.50
CA GLY A 34 -4.78 3.61 -13.21
C GLY A 34 -4.12 2.29 -13.54
N PRO A 35 -3.74 1.51 -12.54
CA PRO A 35 -3.14 0.21 -12.70
C PRO A 35 -4.05 -0.82 -13.39
N ILE A 36 -5.36 -0.65 -13.40
CA ILE A 36 -6.30 -1.55 -14.03
C ILE A 36 -6.03 -1.40 -15.54
N LYS A 37 -6.00 -0.16 -15.99
CA LYS A 37 -5.70 0.21 -17.36
C LYS A 37 -4.30 -0.12 -17.73
N ASP A 38 -3.29 0.02 -16.86
CA ASP A 38 -1.96 -0.36 -17.24
C ASP A 38 -1.87 -1.87 -17.43
N ALA A 39 -2.56 -2.62 -16.59
CA ALA A 39 -2.46 -4.06 -16.66
C ALA A 39 -3.11 -4.59 -17.95
N LEU A 40 -4.21 -4.01 -18.32
CA LEU A 40 -4.94 -4.41 -19.52
C LEU A 40 -4.19 -4.04 -20.77
N ALA A 41 -3.61 -2.84 -20.83
CA ALA A 41 -2.81 -2.41 -21.97
C ALA A 41 -1.61 -3.34 -22.11
N TYR A 42 -1.04 -3.77 -20.98
CA TYR A 42 0.08 -4.67 -21.02
C TYR A 42 -0.38 -6.07 -21.48
N ALA A 43 -1.50 -6.57 -20.95
CA ALA A 43 -2.00 -7.89 -21.25
C ALA A 43 -2.36 -7.93 -22.75
N TRP A 44 -2.99 -6.88 -23.22
CA TRP A 44 -3.40 -6.76 -24.58
C TRP A 44 -2.25 -6.87 -25.59
N GLY A 45 -1.18 -6.18 -25.30
CA GLY A 45 -0.01 -6.20 -26.17
C GLY A 45 0.58 -7.60 -26.16
N VAL A 46 0.36 -8.34 -25.08
CA VAL A 46 0.92 -9.70 -24.99
C VAL A 46 -0.01 -10.64 -25.79
N PHE A 47 -1.30 -10.32 -25.71
CA PHE A 47 -2.31 -11.08 -26.42
C PHE A 47 -2.38 -10.81 -27.92
N ALA A 48 -2.43 -9.58 -28.38
CA ALA A 48 -2.54 -9.21 -29.76
C ALA A 48 -1.19 -9.12 -30.45
N ALA A 49 -0.15 -9.60 -29.82
CA ALA A 49 1.24 -9.59 -30.17
C ALA A 49 1.54 -9.87 -31.63
N ASN A 50 1.33 -11.16 -31.92
CA ASN A 50 1.56 -11.68 -33.27
C ASN A 50 0.25 -12.17 -33.88
N THR A 51 -0.79 -11.35 -33.71
CA THR A 51 -2.11 -11.55 -34.22
C THR A 51 -2.47 -10.45 -35.22
N ASP A 52 -3.70 -10.54 -35.70
CA ASP A 52 -4.16 -9.53 -36.66
C ASP A 52 -5.21 -8.69 -35.97
N TYR A 53 -5.15 -8.81 -34.64
CA TYR A 53 -6.05 -8.05 -33.77
C TYR A 53 -5.51 -6.62 -33.71
N PRO A 54 -6.39 -5.67 -33.60
CA PRO A 54 -6.03 -4.26 -33.50
C PRO A 54 -5.14 -3.97 -32.30
N OCS A 55 -4.29 -2.96 -32.40
CA OCS A 55 -3.37 -2.61 -31.32
CB OCS A 55 -2.02 -2.10 -31.87
SG OCS A 55 -0.63 -2.72 -30.89
C OCS A 55 -3.99 -1.54 -30.43
O OCS A 55 -4.21 -0.42 -30.91
OD2 OCS A 55 -0.98 -3.78 -29.44
OD3 OCS A 55 1.05 -2.57 -31.20
HD2 OCS A 55 0.04 -4.33 -30.30
N LEU A 56 -4.37 -1.91 -29.23
CA LEU A 56 -4.97 -0.97 -28.27
C LEU A 56 -3.84 -0.57 -27.29
N THR A 57 -3.61 0.72 -27.16
CA THR A 57 -2.56 1.17 -26.23
C THR A 57 -3.18 1.78 -24.98
N ARG A 58 -2.28 2.11 -24.04
CA ARG A 58 -2.75 2.73 -22.78
C ARG A 58 -3.64 3.91 -23.05
N LYS A 59 -3.32 4.65 -24.13
CA LYS A 59 -4.12 5.81 -24.48
C LYS A 59 -5.55 5.43 -24.79
N GLU A 60 -5.71 4.30 -25.49
CA GLU A 60 -7.07 3.84 -25.83
C GLU A 60 -7.76 3.34 -24.59
N PHE A 61 -7.04 2.59 -23.73
CA PHE A 61 -7.66 2.20 -22.44
C PHE A 61 -7.99 3.44 -21.59
N GLU A 62 -7.27 4.53 -21.86
CA GLU A 62 -7.55 5.80 -21.21
C GLU A 62 -8.77 6.47 -21.82
N GLY A 63 -9.15 6.03 -23.04
CA GLY A 63 -10.34 6.56 -23.71
C GLY A 63 -10.05 7.80 -24.53
N ILE A 64 -8.76 8.01 -24.78
CA ILE A 64 -8.38 9.23 -25.53
C ILE A 64 -8.65 8.95 -27.01
N ASP A 65 -9.77 9.51 -27.46
CA ASP A 65 -10.16 9.32 -28.85
C ASP A 65 -10.31 7.85 -29.23
N TYR A 66 -11.09 7.20 -28.38
CA TYR A 66 -11.41 5.81 -28.47
C TYR A 66 -12.67 5.57 -27.64
N ASP A 67 -13.69 4.96 -28.21
CA ASP A 67 -14.93 4.69 -27.46
C ASP A 67 -14.74 3.32 -26.79
N ARG A 68 -14.62 3.36 -25.45
CA ARG A 68 -14.33 2.15 -24.67
C ARG A 68 -15.48 1.21 -24.56
N GLU A 69 -16.59 1.62 -25.18
CA GLU A 69 -17.79 0.79 -25.22
C GLU A 69 -17.87 0.00 -26.51
N THR A 70 -16.89 0.20 -27.39
CA THR A 70 -16.76 -0.49 -28.67
C THR A 70 -16.65 -2.00 -28.44
N ASN A 71 -17.50 -2.78 -29.11
CA ASN A 71 -17.41 -4.23 -28.93
C ASN A 71 -16.11 -4.73 -29.53
N LEU A 72 -15.35 -5.54 -28.78
CA LEU A 72 -14.09 -6.05 -29.32
C LEU A 72 -14.28 -7.45 -29.92
N ASN A 73 -15.51 -7.96 -29.90
CA ASN A 73 -15.80 -9.28 -30.45
C ASN A 73 -14.82 -10.35 -29.98
N LEU A 74 -14.68 -10.49 -28.65
CA LEU A 74 -13.77 -11.46 -28.09
C LEU A 74 -14.55 -12.66 -27.52
N THR A 75 -13.87 -13.79 -27.48
CA THR A 75 -14.46 -15.01 -26.91
C THR A 75 -14.09 -15.09 -25.43
N LYS A 76 -14.84 -15.81 -24.64
CA LYS A 76 -14.56 -16.01 -23.24
C LYS A 76 -13.18 -16.56 -23.00
N LEU A 77 -12.64 -17.27 -23.96
CA LEU A 77 -11.32 -17.87 -23.85
C LEU A 77 -10.21 -16.83 -23.98
N GLU A 78 -10.48 -15.91 -24.91
CA GLU A 78 -9.55 -14.83 -25.20
C GLU A 78 -9.44 -13.90 -23.98
N VAL A 79 -10.61 -13.57 -23.45
CA VAL A 79 -10.79 -12.77 -22.27
C VAL A 79 -10.11 -13.40 -21.06
N ILE A 80 -10.22 -14.70 -20.90
CA ILE A 80 -9.57 -15.38 -19.78
C ILE A 80 -8.06 -15.25 -19.90
N THR A 81 -7.60 -15.34 -21.14
CA THR A 81 -6.17 -15.32 -21.43
C THR A 81 -5.57 -13.97 -21.10
N ILE A 82 -6.34 -12.97 -21.41
CA ILE A 82 -5.97 -11.59 -21.18
C ILE A 82 -5.93 -11.30 -19.69
N MET A 83 -6.96 -11.80 -18.99
CA MET A 83 -7.04 -11.61 -17.54
C MET A 83 -5.85 -12.28 -16.90
N GLU A 84 -5.41 -13.41 -17.46
CA GLU A 84 -4.26 -14.06 -16.83
C GLU A 84 -2.98 -13.28 -17.01
N GLN A 85 -2.80 -12.55 -18.09
CA GLN A 85 -1.60 -11.76 -18.34
C GLN A 85 -1.68 -10.46 -17.49
N ALA A 86 -2.86 -9.89 -17.34
CA ALA A 86 -3.11 -8.74 -16.53
C ALA A 86 -2.74 -9.06 -15.07
N PHE A 87 -3.08 -10.25 -14.58
CA PHE A 87 -2.76 -10.69 -13.26
C PHE A 87 -1.22 -10.84 -13.08
N CYS A 88 -0.56 -11.41 -14.07
CA CYS A 88 0.88 -11.59 -13.99
C CYS A 88 1.54 -10.21 -13.87
N TYR A 89 1.00 -9.25 -14.60
CA TYR A 89 1.55 -7.90 -14.54
C TYR A 89 1.37 -7.27 -13.14
N LEU A 90 0.11 -7.26 -12.70
CA LEU A 90 -0.21 -6.69 -11.41
C LEU A 90 0.56 -7.33 -10.27
N ASN A 91 0.79 -8.62 -10.32
CA ASN A 91 1.45 -9.36 -9.29
C ASN A 91 2.87 -8.86 -9.10
N GLY A 92 3.43 -8.26 -10.14
CA GLY A 92 4.73 -7.66 -10.07
C GLY A 92 4.66 -6.26 -9.46
N LYS A 93 3.49 -5.66 -9.32
CA LYS A 93 3.40 -4.33 -8.72
C LYS A 93 3.18 -4.49 -7.20
N SER A 94 2.29 -5.41 -6.89
CA SER A 94 1.90 -5.78 -5.56
C SER A 94 1.19 -7.14 -5.61
N PRO A 95 1.67 -8.12 -4.88
CA PRO A 95 1.15 -9.44 -4.77
C PRO A 95 -0.34 -9.51 -4.56
N ILE A 96 -0.99 -10.30 -5.42
CA ILE A 96 -2.44 -10.49 -5.27
C ILE A 96 -2.60 -11.74 -4.39
N LYS A 97 -3.31 -11.57 -3.29
CA LYS A 97 -3.58 -12.65 -2.35
C LYS A 97 -4.05 -13.92 -3.04
N GLY A 98 -3.31 -15.03 -2.88
CA GLY A 98 -3.62 -16.28 -3.44
C GLY A 98 -3.20 -16.54 -4.87
N VAL A 99 -2.44 -15.65 -5.47
CA VAL A 99 -1.98 -15.78 -6.84
C VAL A 99 -0.48 -15.98 -6.93
N PHE A 100 0.01 -16.94 -7.70
CA PHE A 100 1.44 -17.15 -7.89
C PHE A 100 1.63 -17.14 -9.44
N VAL A 101 2.74 -16.61 -9.87
CA VAL A 101 3.09 -16.54 -11.28
C VAL A 101 4.25 -17.49 -11.57
N PHE A 102 4.08 -18.34 -12.59
CA PHE A 102 5.10 -19.30 -12.94
C PHE A 102 5.61 -18.98 -14.36
N ASP A 103 6.89 -19.27 -14.54
CA ASP A 103 7.51 -19.04 -15.81
C ASP A 103 8.01 -20.30 -16.50
N ASP A 104 7.71 -20.29 -17.79
CA ASP A 104 8.12 -21.31 -18.72
C ASP A 104 8.76 -20.60 -19.93
N GLU A 105 9.90 -19.95 -19.66
CA GLU A 105 10.62 -19.21 -20.69
C GLU A 105 9.79 -18.05 -21.24
N GLY A 106 9.78 -16.90 -20.56
CA GLY A 106 9.00 -15.77 -21.04
C GLY A 106 7.53 -16.06 -21.21
N LYS A 107 7.03 -17.14 -20.65
CA LYS A 107 5.59 -17.49 -20.70
C LYS A 107 5.11 -17.51 -19.25
N GLU A 108 4.37 -16.46 -18.90
CA GLU A 108 3.89 -16.37 -17.53
C GLU A 108 2.47 -16.88 -17.41
N SER A 109 2.23 -17.61 -16.32
CA SER A 109 0.90 -18.14 -16.05
C SER A 109 0.59 -18.10 -14.56
N VAL A 110 -0.67 -18.01 -14.18
CA VAL A 110 -1.03 -18.02 -12.76
C VAL A 110 -1.27 -19.46 -12.31
N ASN A 111 -1.33 -19.63 -10.99
CA ASN A 111 -1.56 -20.93 -10.41
C ASN A 111 -2.98 -21.38 -10.73
N PHE A 112 -3.18 -22.67 -10.78
CA PHE A 112 -4.44 -23.29 -11.09
C PHE A 112 -5.61 -22.76 -10.31
N VAL A 113 -5.47 -22.65 -8.98
CA VAL A 113 -6.62 -22.16 -8.23
C VAL A 113 -7.07 -20.79 -8.63
N ALA A 114 -6.12 -19.90 -8.92
CA ALA A 114 -6.45 -18.54 -9.35
C ALA A 114 -7.00 -18.61 -10.79
N PHE A 115 -6.33 -19.40 -11.62
CA PHE A 115 -6.75 -19.52 -13.04
C PHE A 115 -8.18 -20.02 -13.10
N ASN A 116 -8.48 -20.94 -12.19
CA ASN A 116 -9.82 -21.48 -12.05
C ASN A 116 -10.84 -20.47 -11.63
N LYS A 117 -10.56 -19.46 -10.78
CA LYS A 117 -11.56 -18.45 -10.43
C LYS A 117 -11.74 -17.45 -11.58
N ILE A 118 -10.63 -17.19 -12.26
CA ILE A 118 -10.75 -16.29 -13.43
C ILE A 118 -11.77 -16.90 -14.40
N THR A 119 -11.54 -18.16 -14.76
CA THR A 119 -12.40 -18.93 -15.67
C THR A 119 -13.84 -18.90 -15.22
N ASP A 120 -14.15 -19.31 -14.00
CA ASP A 120 -15.51 -19.29 -13.50
C ASP A 120 -16.13 -17.90 -13.59
N VAL A 121 -15.35 -16.86 -13.24
CA VAL A 121 -15.98 -15.53 -13.25
C VAL A 121 -16.27 -15.11 -14.67
N ILE A 122 -15.29 -15.33 -15.56
CA ILE A 122 -15.44 -14.93 -16.95
C ILE A 122 -16.54 -15.69 -17.66
N ASN A 123 -16.59 -17.01 -17.44
CA ASN A 123 -17.59 -17.85 -18.07
C ASN A 123 -19.00 -17.42 -17.75
N ASN A 124 -19.22 -16.83 -16.59
CA ASN A 124 -20.54 -16.39 -16.21
C ASN A 124 -20.90 -14.98 -16.63
N ILE A 125 -20.00 -14.31 -17.34
CA ILE A 125 -20.31 -12.94 -17.79
C ILE A 125 -20.82 -13.12 -19.24
N GLU A 126 -22.05 -12.66 -19.44
CA GLU A 126 -22.65 -12.80 -20.78
C GLU A 126 -22.62 -11.51 -21.57
N ASP A 127 -22.12 -10.43 -20.97
CA ASP A 127 -22.02 -9.17 -21.67
C ASP A 127 -21.02 -9.23 -22.83
N GLN A 128 -21.10 -8.23 -23.68
CA GLN A 128 -20.16 -8.13 -24.80
C GLN A 128 -18.90 -7.46 -24.26
N TRP A 129 -17.73 -7.89 -24.71
CA TRP A 129 -16.46 -7.41 -24.30
C TRP A 129 -15.99 -6.13 -24.96
N SER A 130 -16.08 -5.04 -24.21
CA SER A 130 -15.54 -3.75 -24.61
C SER A 130 -14.33 -3.43 -23.68
N VAL A 131 -13.61 -2.37 -23.99
CA VAL A 131 -12.52 -1.93 -23.12
C VAL A 131 -13.17 -1.65 -21.76
N ARG A 132 -14.30 -0.98 -21.73
CA ARG A 132 -15.06 -0.75 -20.53
C ARG A 132 -15.43 -1.99 -19.74
N ARG A 133 -15.90 -3.07 -20.39
CA ARG A 133 -16.28 -4.28 -19.68
C ARG A 133 -15.06 -5.01 -19.15
N LEU A 134 -13.93 -4.92 -19.84
CA LEU A 134 -12.72 -5.56 -19.41
C LEU A 134 -12.17 -4.84 -18.14
N MET A 135 -12.35 -3.55 -18.01
CA MET A 135 -11.94 -2.78 -16.85
C MET A 135 -12.78 -3.13 -15.63
N GLN A 136 -14.09 -3.20 -15.82
CA GLN A 136 -15.03 -3.59 -14.81
C GLN A 136 -14.79 -5.00 -14.31
N ALA A 137 -14.44 -5.91 -15.19
CA ALA A 137 -14.20 -7.30 -14.93
C ALA A 137 -12.89 -7.50 -14.18
N LEU A 138 -11.83 -6.87 -14.64
CA LEU A 138 -10.51 -7.00 -14.00
C LEU A 138 -10.60 -6.35 -12.62
N GLY A 139 -11.07 -5.11 -12.62
CA GLY A 139 -11.15 -4.39 -11.36
C GLY A 139 -12.00 -5.02 -10.30
N THR A 140 -13.30 -5.12 -10.57
CA THR A 140 -14.29 -5.61 -9.66
C THR A 140 -14.70 -7.05 -9.71
N ASP A 141 -15.17 -7.56 -10.83
CA ASP A 141 -15.64 -8.92 -10.94
C ASP A 141 -14.62 -9.92 -10.47
N LEU A 142 -13.35 -9.67 -10.81
CA LEU A 142 -12.31 -10.59 -10.35
C LEU A 142 -11.63 -10.14 -9.06
N ILE A 143 -10.72 -9.16 -9.13
CA ILE A 143 -9.95 -8.73 -7.96
C ILE A 143 -10.69 -8.33 -6.74
N VAL A 144 -11.45 -7.24 -6.77
CA VAL A 144 -12.15 -6.85 -5.55
C VAL A 144 -13.02 -7.96 -5.05
N ASN A 145 -13.88 -8.51 -5.94
CA ASN A 145 -14.82 -9.51 -5.49
C ASN A 145 -14.24 -10.85 -5.17
N ASN A 146 -13.12 -11.25 -5.74
CA ASN A 146 -12.64 -12.59 -5.45
C ASN A 146 -11.25 -12.76 -4.96
N PHE A 147 -10.38 -11.74 -4.97
CA PHE A 147 -9.03 -11.91 -4.47
C PHE A 147 -8.67 -10.97 -3.33
N ASP A 148 -8.89 -9.66 -3.53
CA ASP A 148 -8.51 -8.69 -2.46
C ASP A 148 -9.29 -7.43 -2.62
N ARG A 149 -10.31 -7.25 -1.79
CA ARG A 149 -11.17 -6.08 -1.90
C ARG A 149 -10.45 -4.78 -1.79
N MET A 150 -9.25 -4.79 -1.17
CA MET A 150 -8.55 -3.54 -0.98
C MET A 150 -7.35 -3.38 -1.90
N TYR A 151 -7.20 -4.19 -2.93
CA TYR A 151 -6.04 -4.08 -3.79
C TYR A 151 -5.84 -2.73 -4.42
N TRP A 152 -6.87 -2.07 -4.95
CA TRP A 152 -6.70 -0.81 -5.63
C TRP A 152 -6.42 0.32 -4.64
N VAL A 153 -6.92 0.18 -3.42
CA VAL A 153 -6.64 1.17 -2.39
C VAL A 153 -5.18 0.96 -1.92
N LYS A 154 -4.65 -0.26 -1.88
CA LYS A 154 -3.29 -0.59 -1.56
C LYS A 154 -2.29 0.02 -2.53
N LEU A 155 -2.55 0.02 -3.84
CA LEU A 155 -1.68 0.63 -4.81
C LEU A 155 -1.71 2.15 -4.70
N PHE A 156 -2.85 2.76 -4.35
CA PHE A 156 -2.97 4.19 -4.13
C PHE A 156 -2.07 4.58 -2.92
N ALA A 157 -2.15 3.80 -1.85
CA ALA A 157 -1.36 3.98 -0.66
C ALA A 157 0.12 3.94 -1.00
N LEU A 158 0.60 3.06 -1.84
CA LEU A 158 2.01 3.02 -2.17
C LEU A 158 2.41 4.26 -2.92
N ASP A 159 1.51 4.80 -3.72
CA ASP A 159 1.81 5.99 -4.50
C ASP A 159 1.85 7.21 -3.58
N TYR A 160 0.83 7.35 -2.78
CA TYR A 160 0.72 8.45 -1.83
C TYR A 160 1.92 8.55 -0.90
N LEU A 161 2.45 7.42 -0.46
CA LEU A 161 3.55 7.33 0.44
C LEU A 161 4.82 7.80 -0.21
N ASP A 162 4.81 7.78 -1.55
CA ASP A 162 5.97 8.25 -2.29
C ASP A 162 5.90 9.75 -2.51
N LYS A 163 4.69 10.31 -2.39
CA LYS A 163 4.42 11.67 -2.70
C LYS A 163 3.85 12.52 -1.58
N PHE A 164 3.43 12.02 -0.43
CA PHE A 164 2.78 12.91 0.55
C PHE A 164 3.66 14.07 0.98
N ASN A 165 4.96 13.89 0.92
CA ASN A 165 6.02 14.75 1.32
C ASN A 165 6.53 15.70 0.26
N SER A 166 5.81 15.88 -0.84
CA SER A 166 6.31 16.79 -1.86
C SER A 166 5.61 18.13 -1.76
N GLY A 167 5.99 18.98 -2.69
CA GLY A 167 5.54 20.31 -2.74
C GLY A 167 4.21 20.58 -3.34
N TYR A 168 3.30 19.60 -3.46
CA TYR A 168 2.00 19.92 -4.01
C TYR A 168 1.02 20.32 -2.93
N ASP A 169 0.12 21.18 -3.33
CA ASP A 169 -0.94 21.62 -2.39
C ASP A 169 -1.97 20.53 -2.21
N TYR A 170 -2.39 19.88 -3.32
CA TYR A 170 -3.40 18.85 -3.32
C TYR A 170 -2.99 17.52 -3.95
N TYR A 171 -3.57 16.46 -3.42
CA TYR A 171 -3.37 15.12 -3.98
C TYR A 171 -4.84 14.67 -4.21
N ILE A 172 -5.21 14.55 -5.47
CA ILE A 172 -6.56 14.17 -5.89
C ILE A 172 -6.72 12.74 -6.45
N VAL A 173 -7.73 12.07 -5.99
CA VAL A 173 -8.18 10.75 -6.45
C VAL A 173 -9.61 11.03 -6.99
N PRO A 174 -9.68 11.17 -8.31
CA PRO A 174 -10.86 11.60 -9.01
C PRO A 174 -11.85 10.52 -9.39
N ASP A 175 -11.44 9.27 -9.30
CA ASP A 175 -12.26 8.17 -9.73
C ASP A 175 -12.70 7.19 -8.70
N THR A 176 -13.08 7.62 -7.50
CA THR A 176 -13.55 6.70 -6.45
C THR A 176 -14.85 6.05 -6.91
N ARG A 177 -14.96 4.74 -6.98
CA ARG A 177 -16.20 4.11 -7.45
C ARG A 177 -16.76 3.02 -6.58
N GLN A 178 -16.03 2.75 -5.49
CA GLN A 178 -16.48 1.73 -4.55
C GLN A 178 -16.55 2.34 -3.14
N ASP A 179 -17.57 1.99 -2.41
CA ASP A 179 -17.78 2.49 -1.06
C ASP A 179 -16.59 2.25 -0.14
N HIS A 180 -15.91 1.12 -0.24
CA HIS A 180 -14.78 0.77 0.59
C HIS A 180 -13.55 1.63 0.30
N GLU A 181 -13.52 2.28 -0.87
CA GLU A 181 -12.45 3.15 -1.23
C GLU A 181 -12.70 4.48 -0.47
N MET A 182 -13.99 4.79 -0.34
CA MET A 182 -14.41 5.98 0.37
C MET A 182 -14.16 5.77 1.88
N ASP A 183 -14.39 4.56 2.35
CA ASP A 183 -14.14 4.19 3.70
C ASP A 183 -12.64 4.38 4.02
N ALA A 184 -11.77 3.90 3.17
CA ALA A 184 -10.33 4.03 3.38
C ALA A 184 -9.99 5.50 3.38
N ALA A 185 -10.53 6.24 2.41
CA ALA A 185 -10.29 7.66 2.31
C ALA A 185 -10.65 8.42 3.59
N ARG A 186 -11.82 8.14 4.14
CA ARG A 186 -12.25 8.85 5.35
C ARG A 186 -11.35 8.49 6.54
N ALA A 187 -10.93 7.25 6.66
CA ALA A 187 -10.05 6.76 7.67
C ALA A 187 -8.69 7.46 7.64
N MET A 188 -8.14 7.79 6.49
CA MET A 188 -6.90 8.46 6.29
C MET A 188 -6.98 9.98 6.37
N GLY A 189 -8.15 10.48 6.70
CA GLY A 189 -8.38 11.89 6.82
C GLY A 189 -8.54 12.64 5.54
N ALA A 190 -8.95 11.96 4.46
CA ALA A 190 -9.16 12.66 3.20
C ALA A 190 -10.41 13.53 3.30
N THR A 191 -10.40 14.59 2.53
CA THR A 191 -11.64 15.39 2.38
C THR A 191 -12.36 14.65 1.24
N VAL A 192 -13.61 14.31 1.42
CA VAL A 192 -14.37 13.60 0.38
C VAL A 192 -15.34 14.59 -0.26
N ILE A 193 -15.23 14.84 -1.56
CA ILE A 193 -16.16 15.79 -2.18
C ILE A 193 -17.06 15.07 -3.20
N HIS A 194 -18.37 15.11 -3.04
CA HIS A 194 -19.29 14.55 -4.00
C HIS A 194 -19.82 15.69 -4.91
N VAL A 195 -19.81 15.44 -6.21
CA VAL A 195 -20.35 16.36 -7.22
C VAL A 195 -21.64 15.71 -7.77
N VAL A 196 -22.77 16.31 -7.43
CA VAL A 196 -24.09 15.86 -7.69
C VAL A 196 -24.98 16.69 -8.60
N ARG A 197 -25.56 16.00 -9.59
CA ARG A 197 -26.50 16.71 -10.51
C ARG A 197 -27.88 16.27 -10.01
N PRO A 198 -28.64 17.20 -9.53
CA PRO A 198 -29.94 16.94 -8.93
C PRO A 198 -30.78 15.96 -9.70
N GLY A 199 -31.08 14.80 -9.08
CA GLY A 199 -31.86 13.75 -9.66
C GLY A 199 -31.40 13.21 -10.99
N GLN A 200 -30.20 12.65 -11.08
CA GLN A 200 -29.62 12.06 -12.26
C GLN A 200 -29.06 10.67 -11.93
N LYS A 201 -28.91 9.84 -12.97
CA LYS A 201 -28.41 8.50 -12.82
C LYS A 201 -27.32 8.06 -13.78
N SER A 202 -26.78 6.89 -13.44
CA SER A 202 -25.72 6.25 -14.20
C SER A 202 -26.38 5.25 -15.15
N ASN A 203 -26.03 5.34 -16.44
CA ASN A 203 -26.62 4.44 -17.42
C ASN A 203 -25.84 3.15 -17.57
N ASP A 204 -25.17 2.74 -16.50
CA ASP A 204 -24.43 1.47 -16.47
C ASP A 204 -24.88 0.83 -15.15
N THR A 205 -25.27 -0.44 -15.19
CA THR A 205 -25.73 -1.09 -13.95
C THR A 205 -24.59 -1.70 -13.17
N HIS A 206 -23.36 -1.70 -13.71
CA HIS A 206 -22.22 -2.25 -12.97
C HIS A 206 -22.09 -1.49 -11.65
N ILE A 207 -21.67 -2.18 -10.60
CA ILE A 207 -21.55 -1.53 -9.29
C ILE A 207 -20.67 -0.30 -9.30
N THR A 208 -19.67 -0.22 -10.17
CA THR A 208 -18.78 0.90 -10.28
C THR A 208 -19.33 2.12 -10.98
N GLU A 209 -20.60 2.12 -11.35
CA GLU A 209 -21.27 3.20 -12.05
C GLU A 209 -22.35 3.80 -11.16
N ALA A 210 -22.57 3.12 -10.04
CA ALA A 210 -23.57 3.51 -9.07
C ALA A 210 -23.07 4.73 -8.27
N GLY A 211 -23.98 5.54 -7.83
CA GLY A 211 -23.67 6.72 -7.01
C GLY A 211 -23.29 6.24 -5.60
N LEU A 212 -22.19 6.79 -5.06
CA LEU A 212 -21.69 6.45 -3.72
C LEU A 212 -22.46 7.24 -2.66
N PRO A 213 -22.66 6.63 -1.52
CA PRO A 213 -23.38 7.21 -0.41
C PRO A 213 -22.65 8.44 0.11
N ILE A 214 -23.45 9.41 0.52
CA ILE A 214 -22.92 10.65 1.11
C ILE A 214 -22.96 10.43 2.62
N ARG A 215 -21.80 10.43 3.24
CA ARG A 215 -21.77 10.20 4.68
C ARG A 215 -21.42 11.54 5.35
N ASP A 216 -21.73 11.61 6.63
CA ASP A 216 -21.50 12.81 7.43
C ASP A 216 -20.03 13.23 7.29
N GLY A 217 -19.84 14.53 7.10
CA GLY A 217 -18.47 15.03 6.95
C GLY A 217 -18.11 15.21 5.49
N ASP A 218 -18.81 14.46 4.61
CA ASP A 218 -18.53 14.58 3.19
C ASP A 218 -19.01 15.96 2.75
N LEU A 219 -18.32 16.55 1.80
CA LEU A 219 -18.76 17.83 1.25
C LEU A 219 -19.59 17.47 -0.01
N VAL A 220 -20.52 18.28 -0.41
CA VAL A 220 -21.34 17.98 -1.61
C VAL A 220 -21.40 19.23 -2.48
N ILE A 221 -21.08 19.15 -3.75
CA ILE A 221 -21.20 20.36 -4.59
C ILE A 221 -22.44 20.04 -5.45
N THR A 222 -23.51 20.78 -5.35
CA THR A 222 -24.72 20.48 -6.16
C THR A 222 -24.57 21.15 -7.51
N ASN A 223 -24.50 20.32 -8.58
CA ASN A 223 -24.29 20.97 -9.88
C ASN A 223 -25.70 21.21 -10.46
N ASP A 224 -26.39 22.22 -9.98
CA ASP A 224 -27.73 22.56 -10.37
C ASP A 224 -27.85 23.84 -11.16
N GLY A 225 -26.81 24.26 -11.90
CA GLY A 225 -26.83 25.45 -12.68
C GLY A 225 -25.80 25.48 -13.81
N SER A 226 -25.31 26.67 -14.05
CA SER A 226 -24.30 27.07 -14.97
C SER A 226 -22.91 26.48 -14.63
N LEU A 227 -21.93 26.69 -15.49
CA LEU A 227 -20.58 26.25 -15.34
C LEU A 227 -19.76 27.12 -14.38
N GLU A 228 -19.85 28.44 -14.48
CA GLU A 228 -19.11 29.30 -13.56
C GLU A 228 -19.79 29.15 -12.19
N GLU A 229 -21.07 28.76 -12.24
CA GLU A 229 -21.72 28.58 -10.92
C GLU A 229 -21.04 27.37 -10.25
N LEU A 230 -20.62 26.43 -11.08
CA LEU A 230 -19.97 25.23 -10.59
C LEU A 230 -18.53 25.58 -10.19
N PHE A 231 -17.90 26.35 -11.09
CA PHE A 231 -16.55 26.80 -10.82
C PHE A 231 -16.49 27.65 -9.57
N SER A 232 -17.54 28.40 -9.27
CA SER A 232 -17.53 29.21 -8.06
C SER A 232 -17.68 28.30 -6.85
N LYS A 233 -18.60 27.33 -6.98
CA LYS A 233 -18.83 26.39 -5.88
C LYS A 233 -17.53 25.67 -5.53
N ILE A 234 -16.74 25.35 -6.54
CA ILE A 234 -15.48 24.62 -6.36
C ILE A 234 -14.48 25.50 -5.60
N LYS A 235 -14.29 26.73 -6.10
CA LYS A 235 -13.42 27.70 -5.45
C LYS A 235 -13.77 27.95 -4.01
N ASN A 236 -15.05 28.20 -3.69
CA ASN A 236 -15.42 28.44 -2.32
C ASN A 236 -15.37 27.17 -1.49
N THR A 237 -15.38 26.01 -2.14
CA THR A 237 -15.35 24.78 -1.32
C THR A 237 -13.90 24.52 -0.90
N LEU A 238 -13.03 24.80 -1.86
CA LEU A 238 -11.62 24.58 -1.56
C LEU A 238 -11.11 25.71 -0.68
N LYS A 239 -11.57 26.95 -0.91
CA LYS A 239 -11.03 28.05 -0.07
C LYS A 239 -11.15 27.68 1.41
N VAL A 240 -12.24 27.04 1.76
CA VAL A 240 -12.48 26.57 3.12
C VAL A 240 -11.47 25.57 3.62
N LEU A 241 -10.73 24.86 2.76
CA LEU A 241 -9.72 23.89 3.18
C LEU A 241 -8.31 24.30 2.73
N MET B 1 -11.97 0.96 13.16
CA MET B 1 -10.58 0.68 13.63
C MET B 1 -9.82 1.99 13.76
N LYS B 2 -9.29 2.29 14.96
CA LYS B 2 -8.50 3.52 15.09
C LYS B 2 -7.03 3.14 14.91
N LEU B 3 -6.30 3.84 14.07
CA LEU B 3 -4.89 3.63 13.82
C LEU B 3 -4.08 4.43 14.87
N ILE B 4 -3.27 3.78 15.68
CA ILE B 4 -2.45 4.45 16.67
C ILE B 4 -0.96 4.20 16.51
N PHE B 5 -0.20 5.30 16.42
CA PHE B 5 1.27 5.09 16.37
C PHE B 5 1.78 5.53 17.77
N LEU B 6 2.50 4.66 18.46
CA LEU B 6 3.06 4.94 19.77
C LEU B 6 4.51 5.40 19.61
N SER B 7 4.88 6.37 20.43
CA SER B 7 6.24 6.91 20.43
C SER B 7 6.78 7.06 21.86
N GLY B 8 8.03 6.70 22.08
CA GLY B 8 8.58 6.82 23.42
C GLY B 8 9.96 6.17 23.45
N VAL B 9 10.81 6.68 24.36
CA VAL B 9 12.15 6.09 24.45
C VAL B 9 12.06 4.92 25.42
N LYS B 10 13.16 4.24 25.47
CA LYS B 10 13.39 3.07 26.34
C LYS B 10 13.05 3.46 27.77
N ARG B 11 12.27 2.60 28.43
CA ARG B 11 11.79 2.75 29.76
C ARG B 11 10.86 3.95 29.93
N SER B 12 10.40 4.63 28.90
CA SER B 12 9.47 5.74 29.05
C SER B 12 8.11 5.21 29.56
N GLY B 13 7.87 3.94 29.24
CA GLY B 13 6.62 3.27 29.57
C GLY B 13 5.81 3.00 28.28
N LYS B 14 6.36 3.27 27.11
CA LYS B 14 5.73 3.10 25.83
C LYS B 14 5.31 1.66 25.58
N ASP B 15 6.20 0.74 25.91
CA ASP B 15 6.02 -0.69 25.77
C ASP B 15 4.93 -1.20 26.69
N THR B 16 4.85 -0.72 27.92
CA THR B 16 3.84 -1.07 28.90
C THR B 16 2.48 -0.60 28.38
N THR B 17 2.49 0.55 27.74
CA THR B 17 1.28 1.11 27.13
C THR B 17 0.79 0.22 25.99
N ALA B 18 1.66 -0.27 25.11
CA ALA B 18 1.25 -1.12 23.99
C ALA B 18 0.63 -2.40 24.50
N ASP B 19 1.24 -2.96 25.53
CA ASP B 19 0.83 -4.15 26.23
C ASP B 19 -0.55 -4.03 26.87
N PHE B 20 -0.72 -2.95 27.61
CA PHE B 20 -1.99 -2.71 28.27
C PHE B 20 -3.11 -2.61 27.25
N ILE B 21 -2.80 -2.02 26.08
CA ILE B 21 -3.84 -1.80 25.08
C ILE B 21 -4.19 -3.14 24.45
N MET B 22 -3.11 -3.86 24.15
CA MET B 22 -3.30 -5.18 23.55
C MET B 22 -4.06 -6.11 24.47
N SER B 23 -3.85 -5.99 25.77
CA SER B 23 -4.47 -6.82 26.78
C SER B 23 -5.89 -6.39 27.13
N ASN B 24 -6.23 -5.12 26.98
CA ASN B 24 -7.53 -4.64 27.37
C ASN B 24 -8.47 -4.25 26.29
N TYR B 25 -8.14 -4.30 25.01
CA TYR B 25 -9.09 -3.89 23.97
C TYR B 25 -9.03 -4.83 22.78
N SER B 26 -9.95 -4.64 21.84
CA SER B 26 -9.91 -5.46 20.60
C SER B 26 -8.86 -4.69 19.75
N ALA B 27 -7.65 -5.20 19.78
CA ALA B 27 -6.59 -4.42 19.13
C ALA B 27 -5.71 -5.41 18.41
N VAL B 28 -5.10 -4.91 17.37
CA VAL B 28 -4.17 -5.73 16.60
C VAL B 28 -2.88 -4.88 16.53
N LYS B 29 -1.75 -5.51 16.53
CA LYS B 29 -0.46 -4.90 16.53
C LYS B 29 0.42 -5.16 15.34
N TYR B 30 1.10 -4.13 14.86
CA TYR B 30 2.01 -4.35 13.76
C TYR B 30 3.35 -3.71 14.09
N GLN B 31 4.46 -4.41 13.90
CA GLN B 31 5.76 -3.91 14.11
C GLN B 31 6.40 -3.46 12.82
N LEU B 32 6.85 -2.23 12.71
CA LEU B 32 7.51 -1.81 11.47
C LEU B 32 8.72 -2.67 11.21
N ALA B 33 9.33 -3.18 12.25
CA ALA B 33 10.53 -4.01 12.08
C ALA B 33 10.21 -5.48 11.92
N GLY B 34 8.94 -5.86 11.91
CA GLY B 34 8.58 -7.25 11.70
C GLY B 34 9.25 -7.88 10.49
N PRO B 35 9.00 -7.38 9.31
CA PRO B 35 9.52 -7.87 8.05
C PRO B 35 11.04 -7.91 7.94
N ILE B 36 11.71 -7.10 8.76
CA ILE B 36 13.16 -7.02 8.82
C ILE B 36 13.64 -8.32 9.47
N LYS B 37 13.06 -8.67 10.63
CA LYS B 37 13.41 -9.89 11.30
C LYS B 37 13.00 -11.13 10.52
N ASP B 38 11.87 -11.07 9.81
CA ASP B 38 11.41 -12.18 8.99
C ASP B 38 12.35 -12.43 7.81
N ALA B 39 12.82 -11.36 7.18
CA ALA B 39 13.70 -11.49 6.03
C ALA B 39 15.10 -12.00 6.43
N LEU B 40 15.58 -11.58 7.60
CA LEU B 40 16.89 -11.96 8.08
C LEU B 40 16.79 -13.41 8.56
N ALA B 41 15.65 -13.75 9.19
CA ALA B 41 15.49 -15.13 9.65
C ALA B 41 15.43 -16.04 8.43
N TYR B 42 14.88 -15.54 7.36
CA TYR B 42 14.81 -16.28 6.10
C TYR B 42 16.19 -16.35 5.46
N ALA B 43 16.83 -15.21 5.26
CA ALA B 43 18.16 -15.15 4.65
C ALA B 43 19.13 -15.95 5.50
N TRP B 44 18.99 -15.88 6.81
CA TRP B 44 19.87 -16.61 7.70
C TRP B 44 19.78 -18.12 7.52
N GLY B 45 18.56 -18.62 7.61
CA GLY B 45 18.32 -20.05 7.48
C GLY B 45 18.96 -20.55 6.18
N VAL B 46 18.82 -19.74 5.14
CA VAL B 46 19.35 -20.12 3.84
C VAL B 46 20.86 -20.11 3.80
N PHE B 47 21.53 -19.17 4.46
CA PHE B 47 22.99 -19.16 4.41
C PHE B 47 23.69 -20.03 5.43
N ALA B 48 23.18 -20.19 6.64
CA ALA B 48 23.81 -21.00 7.67
C ALA B 48 23.54 -22.49 7.46
N ALA B 49 22.86 -22.77 6.35
CA ALA B 49 22.56 -24.17 6.02
C ALA B 49 23.84 -24.77 5.43
N ASN B 50 24.41 -24.03 4.48
CA ASN B 50 25.64 -24.42 3.81
C ASN B 50 26.82 -24.52 4.78
N THR B 51 26.78 -23.72 5.86
CA THR B 51 27.84 -23.64 6.82
C THR B 51 27.64 -24.35 8.15
N ASP B 52 28.63 -24.11 9.01
CA ASP B 52 28.73 -24.64 10.36
C ASP B 52 28.39 -23.49 11.33
N TYR B 53 27.36 -22.74 10.93
CA TYR B 53 26.95 -21.62 11.76
C TYR B 53 25.81 -22.00 12.70
N PRO B 54 25.71 -21.25 13.77
CA PRO B 54 24.66 -21.40 14.77
C PRO B 54 23.29 -21.35 14.09
N OCS B 55 22.30 -22.09 14.55
CA OCS B 55 21.00 -22.01 13.91
CB OCS B 55 20.35 -23.33 13.56
SG OCS B 55 19.55 -23.35 11.90
C OCS B 55 20.06 -21.07 14.70
O OCS B 55 19.57 -21.35 15.78
OD1 OCS B 55 19.17 -23.01 10.28
N LEU B 56 19.87 -19.90 14.09
CA LEU B 56 19.01 -18.85 14.59
C LEU B 56 17.65 -18.91 13.89
N THR B 57 16.60 -19.08 14.65
CA THR B 57 15.25 -19.13 14.10
C THR B 57 14.58 -17.76 14.19
N ARG B 58 13.39 -17.61 13.66
CA ARG B 58 12.73 -16.30 13.74
C ARG B 58 12.53 -15.96 15.21
N LYS B 59 12.59 -16.99 16.05
CA LYS B 59 12.40 -16.83 17.49
C LYS B 59 13.57 -16.10 18.16
N GLU B 60 14.80 -16.38 17.77
CA GLU B 60 15.92 -15.62 18.38
C GLU B 60 16.08 -14.26 17.73
N PHE B 61 15.68 -14.11 16.45
CA PHE B 61 15.74 -12.80 15.80
C PHE B 61 14.78 -11.84 16.51
N GLU B 62 13.83 -12.42 17.22
CA GLU B 62 12.86 -11.66 17.98
C GLU B 62 13.46 -11.36 19.37
N GLY B 63 14.62 -11.95 19.62
CA GLY B 63 15.30 -11.77 20.90
C GLY B 63 14.67 -12.66 21.98
N ILE B 64 13.98 -13.70 21.53
CA ILE B 64 13.32 -14.66 22.39
C ILE B 64 14.38 -15.68 22.84
N ASP B 65 14.87 -15.32 24.03
CA ASP B 65 15.89 -16.02 24.76
C ASP B 65 17.19 -16.14 23.99
N TYR B 66 17.61 -14.99 23.49
CA TYR B 66 18.79 -14.77 22.71
C TYR B 66 19.23 -13.31 22.88
N ASP B 67 20.55 -13.12 22.94
CA ASP B 67 21.07 -11.75 23.05
C ASP B 67 21.38 -11.32 21.61
N ARG B 68 20.66 -10.31 21.12
CA ARG B 68 20.93 -9.91 19.72
C ARG B 68 22.18 -9.08 19.59
N GLU B 69 22.93 -8.88 20.67
CA GLU B 69 24.18 -8.15 20.70
C GLU B 69 25.38 -9.08 20.47
N THR B 70 25.10 -10.35 20.65
CA THR B 70 26.03 -11.43 20.45
C THR B 70 26.71 -11.36 19.09
N ASN B 71 28.02 -11.19 19.12
CA ASN B 71 28.83 -11.12 17.87
C ASN B 71 28.70 -12.43 17.13
N LEU B 72 28.51 -12.47 15.81
CA LEU B 72 28.31 -13.72 15.08
C LEU B 72 29.53 -14.11 14.26
N ASN B 73 30.51 -13.21 14.26
CA ASN B 73 31.78 -13.37 13.59
C ASN B 73 31.66 -13.55 12.09
N LEU B 74 31.07 -12.57 11.42
CA LEU B 74 30.88 -12.69 9.99
C LEU B 74 31.78 -11.81 9.15
N THR B 75 32.11 -12.40 8.00
CA THR B 75 32.88 -11.76 6.95
C THR B 75 31.93 -10.72 6.31
N LYS B 76 32.45 -9.56 5.98
CA LYS B 76 31.60 -8.59 5.27
C LYS B 76 30.94 -9.35 4.09
N LEU B 77 31.62 -10.41 3.65
CA LEU B 77 31.22 -11.24 2.54
C LEU B 77 29.95 -12.08 2.72
N GLU B 78 29.91 -12.72 3.89
CA GLU B 78 28.73 -13.55 4.19
C GLU B 78 27.61 -12.56 4.51
N VAL B 79 27.97 -11.49 5.25
CA VAL B 79 26.96 -10.49 5.56
C VAL B 79 26.31 -9.97 4.27
N ILE B 80 27.10 -9.81 3.22
CA ILE B 80 26.60 -9.35 1.94
C ILE B 80 25.71 -10.38 1.26
N THR B 81 26.01 -11.66 1.47
CA THR B 81 25.18 -12.69 0.84
C THR B 81 23.89 -12.84 1.63
N ILE B 82 23.95 -12.70 2.96
CA ILE B 82 22.76 -12.80 3.78
C ILE B 82 21.78 -11.69 3.36
N MET B 83 22.35 -10.50 3.21
CA MET B 83 21.62 -9.32 2.85
C MET B 83 20.98 -9.52 1.49
N GLU B 84 21.65 -10.12 0.51
CA GLU B 84 20.98 -10.27 -0.79
C GLU B 84 19.82 -11.26 -0.75
N GLN B 85 19.89 -12.25 0.13
CA GLN B 85 18.81 -13.23 0.22
C GLN B 85 17.59 -12.59 0.88
N ALA B 86 17.90 -11.68 1.79
CA ALA B 86 16.85 -10.96 2.51
C ALA B 86 16.15 -10.03 1.54
N PHE B 87 16.84 -9.40 0.62
CA PHE B 87 16.25 -8.53 -0.39
C PHE B 87 15.33 -9.36 -1.30
N CYS B 88 15.76 -10.60 -1.54
CA CYS B 88 14.99 -11.52 -2.37
C CYS B 88 13.66 -11.82 -1.67
N TYR B 89 13.70 -12.08 -0.37
CA TYR B 89 12.49 -12.33 0.41
C TYR B 89 11.58 -11.12 0.44
N LEU B 90 12.09 -9.94 0.74
CA LEU B 90 11.32 -8.71 0.83
C LEU B 90 10.71 -8.32 -0.51
N ASN B 91 11.49 -8.47 -1.59
CA ASN B 91 11.02 -8.15 -2.92
C ASN B 91 9.75 -8.93 -3.27
N GLY B 92 9.55 -10.12 -2.75
CA GLY B 92 8.38 -10.92 -2.96
C GLY B 92 7.21 -10.39 -2.13
N LYS B 93 7.47 -9.53 -1.14
CA LYS B 93 6.39 -8.94 -0.33
C LYS B 93 5.97 -7.64 -0.98
N SER B 94 6.97 -6.84 -1.31
CA SER B 94 6.66 -5.59 -2.00
C SER B 94 7.97 -5.16 -2.64
N PRO B 95 7.95 -4.90 -3.92
CA PRO B 95 9.09 -4.53 -4.69
C PRO B 95 9.85 -3.38 -4.05
N ILE B 96 11.16 -3.59 -3.94
CA ILE B 96 12.09 -2.58 -3.43
C ILE B 96 12.55 -1.77 -4.65
N LYS B 97 12.31 -0.49 -4.71
CA LYS B 97 12.70 0.33 -5.88
C LYS B 97 14.10 0.04 -6.39
N GLY B 98 14.25 -0.32 -7.68
CA GLY B 98 15.53 -0.57 -8.30
C GLY B 98 16.21 -1.88 -8.06
N VAL B 99 15.48 -2.87 -7.57
CA VAL B 99 15.91 -4.19 -7.27
C VAL B 99 15.06 -5.17 -8.11
N PHE B 100 15.71 -6.12 -8.72
CA PHE B 100 15.05 -7.17 -9.51
C PHE B 100 15.61 -8.51 -9.04
N VAL B 101 14.77 -9.49 -8.76
CA VAL B 101 15.28 -10.78 -8.27
C VAL B 101 15.22 -11.79 -9.40
N PHE B 102 16.34 -12.50 -9.60
CA PHE B 102 16.31 -13.51 -10.67
C PHE B 102 16.72 -14.87 -10.09
N ASP B 103 16.09 -15.89 -10.69
CA ASP B 103 16.33 -17.26 -10.33
C ASP B 103 17.51 -17.82 -11.14
N ASP B 104 18.42 -18.42 -10.38
CA ASP B 104 19.62 -19.00 -10.96
C ASP B 104 19.63 -20.52 -10.71
N GLU B 105 18.48 -21.12 -11.02
CA GLU B 105 18.24 -22.55 -10.86
C GLU B 105 18.44 -22.95 -9.40
N GLY B 106 17.37 -22.74 -8.63
CA GLY B 106 17.45 -23.04 -7.20
C GLY B 106 18.31 -21.99 -6.49
N LYS B 107 18.33 -20.77 -7.02
CA LYS B 107 19.15 -19.71 -6.42
C LYS B 107 18.79 -18.34 -6.96
N GLU B 108 17.90 -17.64 -6.26
CA GLU B 108 17.55 -16.30 -6.75
C GLU B 108 18.64 -15.35 -6.26
N SER B 109 18.89 -14.31 -7.01
CA SER B 109 19.90 -13.31 -6.65
C SER B 109 19.37 -11.95 -7.08
N VAL B 110 19.93 -10.85 -6.60
CA VAL B 110 19.42 -9.53 -7.02
C VAL B 110 20.22 -8.98 -8.17
N ASN B 111 19.63 -8.11 -8.98
CA ASN B 111 20.34 -7.50 -10.11
C ASN B 111 21.70 -7.00 -9.64
N PHE B 112 22.63 -6.69 -10.53
CA PHE B 112 23.96 -6.27 -10.16
C PHE B 112 24.16 -5.02 -9.36
N VAL B 113 23.54 -3.93 -9.78
CA VAL B 113 23.64 -2.63 -9.11
C VAL B 113 23.09 -2.69 -7.69
N ALA B 114 21.95 -3.36 -7.53
CA ALA B 114 21.40 -3.53 -6.17
C ALA B 114 22.54 -4.30 -5.45
N PHE B 115 22.98 -5.37 -6.15
CA PHE B 115 24.08 -6.15 -5.57
C PHE B 115 25.31 -5.30 -5.25
N ASN B 116 25.70 -4.44 -6.17
CA ASN B 116 26.82 -3.55 -6.01
C ASN B 116 26.58 -2.53 -4.91
N LYS B 117 25.38 -1.97 -4.79
CA LYS B 117 25.14 -0.98 -3.71
C LYS B 117 25.21 -1.68 -2.36
N ILE B 118 24.74 -2.93 -2.32
CA ILE B 118 24.75 -3.70 -1.08
C ILE B 118 26.18 -3.90 -0.58
N THR B 119 27.06 -4.28 -1.50
CA THR B 119 28.47 -4.54 -1.21
C THR B 119 29.16 -3.24 -0.76
N ASP B 120 28.93 -2.16 -1.52
CA ASP B 120 29.51 -0.88 -1.20
C ASP B 120 29.08 -0.51 0.23
N VAL B 121 27.77 -0.54 0.46
CA VAL B 121 27.26 -0.21 1.79
C VAL B 121 27.79 -1.15 2.85
N ILE B 122 27.80 -2.47 2.65
CA ILE B 122 28.28 -3.35 3.69
C ILE B 122 29.79 -3.26 3.88
N ASN B 123 30.49 -2.80 2.85
CA ASN B 123 31.94 -2.64 2.95
C ASN B 123 32.40 -1.48 3.80
N ASN B 124 31.62 -0.45 4.05
CA ASN B 124 32.00 0.64 4.93
C ASN B 124 31.52 0.40 6.36
N ILE B 125 30.83 -0.72 6.61
CA ILE B 125 30.38 -0.96 7.99
C ILE B 125 31.61 -1.55 8.70
N GLU B 126 32.19 -0.70 9.54
CA GLU B 126 33.37 -1.11 10.27
C GLU B 126 33.04 -1.82 11.57
N ASP B 127 31.75 -2.04 11.84
CA ASP B 127 31.33 -2.68 13.08
C ASP B 127 31.39 -4.21 13.03
N GLN B 128 30.94 -4.76 14.17
CA GLN B 128 30.85 -6.18 14.37
C GLN B 128 29.37 -6.57 14.19
N TRP B 129 29.19 -7.71 13.55
CA TRP B 129 27.93 -8.26 13.23
C TRP B 129 27.17 -9.05 14.26
N SER B 130 26.28 -8.37 14.97
CA SER B 130 25.38 -9.04 15.92
C SER B 130 24.04 -9.15 15.13
N VAL B 131 23.09 -9.89 15.61
CA VAL B 131 21.77 -9.95 14.92
C VAL B 131 21.24 -8.53 14.84
N ARG B 132 21.44 -7.75 15.90
CA ARG B 132 21.01 -6.37 16.03
C ARG B 132 21.67 -5.37 15.10
N ARG B 133 22.84 -5.68 14.60
CA ARG B 133 23.54 -4.78 13.67
C ARG B 133 23.09 -5.14 12.27
N LEU B 134 22.70 -6.43 12.15
CA LEU B 134 22.17 -6.94 10.87
C LEU B 134 20.79 -6.27 10.60
N MET B 135 19.99 -6.11 11.65
CA MET B 135 18.66 -5.49 11.52
C MET B 135 18.76 -4.06 11.06
N GLN B 136 19.77 -3.38 11.60
CA GLN B 136 20.02 -1.98 11.26
C GLN B 136 20.53 -1.82 9.84
N ALA B 137 21.48 -2.67 9.49
CA ALA B 137 22.08 -2.64 8.17
C ALA B 137 21.02 -2.90 7.11
N LEU B 138 20.16 -3.91 7.36
CA LEU B 138 19.10 -4.22 6.42
C LEU B 138 18.09 -3.06 6.42
N GLY B 139 17.55 -2.76 7.59
CA GLY B 139 16.55 -1.77 7.75
C GLY B 139 16.89 -0.36 7.37
N THR B 140 18.06 0.11 7.81
CA THR B 140 18.45 1.49 7.58
C THR B 140 19.63 1.76 6.72
N ASP B 141 20.76 1.14 7.03
CA ASP B 141 21.94 1.44 6.19
C ASP B 141 21.63 1.16 4.75
N LEU B 142 20.81 0.10 4.55
CA LEU B 142 20.50 -0.28 3.18
C LEU B 142 19.21 0.27 2.65
N ILE B 143 18.08 -0.31 3.08
CA ILE B 143 16.80 0.10 2.49
C ILE B 143 16.46 1.52 2.69
N VAL B 144 16.32 2.02 3.93
CA VAL B 144 15.91 3.41 4.13
C VAL B 144 16.87 4.41 3.55
N ASN B 145 18.17 4.23 3.78
CA ASN B 145 19.12 5.18 3.24
C ASN B 145 19.48 4.98 1.81
N ASN B 146 19.50 3.77 1.26
CA ASN B 146 19.87 3.59 -0.14
C ASN B 146 18.86 3.18 -1.14
N PHE B 147 17.67 2.67 -0.73
CA PHE B 147 16.68 2.22 -1.70
C PHE B 147 15.34 2.90 -1.55
N ASP B 148 14.73 2.93 -0.36
CA ASP B 148 13.38 3.55 -0.27
C ASP B 148 13.15 3.90 1.20
N ARG B 149 13.22 5.16 1.48
CA ARG B 149 13.07 5.77 2.79
C ARG B 149 11.81 5.28 3.45
N MET B 150 10.79 5.06 2.60
CA MET B 150 9.46 4.68 3.03
C MET B 150 9.08 3.22 2.97
N TYR B 151 9.97 2.31 2.59
CA TYR B 151 9.66 0.92 2.46
C TYR B 151 9.05 0.23 3.66
N TRP B 152 9.43 0.50 4.92
CA TRP B 152 8.87 -0.16 6.04
C TRP B 152 7.45 0.30 6.32
N VAL B 153 7.17 1.54 6.00
CA VAL B 153 5.85 2.14 6.17
C VAL B 153 4.91 1.63 5.05
N LYS B 154 5.46 1.38 3.87
CA LYS B 154 4.65 0.78 2.77
C LYS B 154 4.18 -0.60 3.20
N LEU B 155 5.04 -1.42 3.83
CA LEU B 155 4.62 -2.72 4.28
C LEU B 155 3.58 -2.65 5.38
N PHE B 156 3.60 -1.63 6.24
CA PHE B 156 2.57 -1.45 7.25
C PHE B 156 1.25 -1.07 6.56
N ALA B 157 1.32 -0.24 5.52
CA ALA B 157 0.16 0.22 4.78
C ALA B 157 -0.57 -0.96 4.13
N LEU B 158 0.18 -1.90 3.61
CA LEU B 158 -0.39 -3.10 3.03
C LEU B 158 -1.10 -3.91 4.09
N ASP B 159 -0.51 -4.11 5.24
CA ASP B 159 -1.11 -4.85 6.32
C ASP B 159 -2.28 -4.12 6.94
N TYR B 160 -2.18 -2.81 7.11
CA TYR B 160 -3.30 -2.05 7.69
C TYR B 160 -4.57 -2.14 6.86
N LEU B 161 -4.44 -1.96 5.55
CA LEU B 161 -5.52 -2.01 4.58
C LEU B 161 -6.10 -3.41 4.52
N ASP B 162 -5.26 -4.39 4.71
CA ASP B 162 -5.64 -5.76 4.80
C ASP B 162 -6.49 -6.06 6.02
N LYS B 163 -6.32 -5.33 7.11
CA LYS B 163 -7.04 -5.55 8.35
C LYS B 163 -8.19 -4.56 8.50
N PHE B 164 -8.30 -3.75 7.50
CA PHE B 164 -9.26 -2.69 7.48
C PHE B 164 -10.63 -3.14 7.87
N ASN B 165 -11.16 -4.23 7.33
CA ASN B 165 -12.54 -4.58 7.76
C ASN B 165 -12.58 -5.78 8.69
N SER B 166 -11.55 -5.97 9.51
CA SER B 166 -11.42 -7.09 10.39
C SER B 166 -12.11 -7.07 11.71
N GLY B 167 -12.71 -5.96 12.16
CA GLY B 167 -13.37 -6.00 13.46
C GLY B 167 -12.57 -5.56 14.67
N TYR B 168 -11.28 -5.31 14.57
CA TYR B 168 -10.48 -4.81 15.67
C TYR B 168 -10.81 -3.34 15.94
N ASP B 169 -10.74 -2.95 17.22
CA ASP B 169 -11.03 -1.55 17.54
C ASP B 169 -9.81 -0.67 17.29
N TYR B 170 -8.61 -1.21 17.52
CA TYR B 170 -7.39 -0.47 17.35
C TYR B 170 -6.34 -1.29 16.61
N TYR B 171 -5.58 -0.50 15.87
CA TYR B 171 -4.41 -1.02 15.15
C TYR B 171 -3.24 -0.19 15.72
N ILE B 172 -2.30 -0.83 16.39
CA ILE B 172 -1.20 -0.22 17.06
C ILE B 172 0.15 -0.53 16.40
N VAL B 173 0.89 0.50 16.06
CA VAL B 173 2.27 0.32 15.56
C VAL B 173 3.14 0.94 16.69
N PRO B 174 3.87 0.12 17.35
CA PRO B 174 4.62 0.50 18.52
C PRO B 174 6.06 0.85 18.33
N ASP B 175 6.70 0.46 17.23
CA ASP B 175 8.11 0.64 17.09
C ASP B 175 8.64 1.61 16.10
N THR B 176 8.00 2.75 15.93
CA THR B 176 8.53 3.74 14.99
C THR B 176 9.73 4.42 15.69
N ARG B 177 10.81 4.53 14.97
CA ARG B 177 12.06 5.07 15.38
C ARG B 177 12.44 6.31 14.57
N GLN B 178 11.88 6.47 13.35
CA GLN B 178 12.22 7.59 12.51
C GLN B 178 11.12 8.59 12.34
N ASP B 179 11.53 9.86 12.27
CA ASP B 179 10.56 10.94 12.17
C ASP B 179 9.83 10.93 10.85
N HIS B 180 10.53 10.54 9.78
CA HIS B 180 9.88 10.51 8.45
C HIS B 180 8.78 9.47 8.45
N GLU B 181 8.93 8.43 9.26
CA GLU B 181 7.96 7.39 9.42
C GLU B 181 6.78 7.90 10.22
N MET B 182 7.07 8.83 11.15
CA MET B 182 5.96 9.41 11.92
C MET B 182 5.22 10.38 11.00
N ASP B 183 5.91 11.07 10.12
CA ASP B 183 5.23 11.96 9.17
C ASP B 183 4.24 11.13 8.29
N ALA B 184 4.75 10.00 7.81
CA ALA B 184 3.93 9.09 7.00
C ALA B 184 2.78 8.57 7.85
N ALA B 185 2.96 8.22 9.11
CA ALA B 185 1.84 7.77 9.94
C ALA B 185 0.78 8.85 10.02
N ARG B 186 1.16 10.12 10.21
CA ARG B 186 0.23 11.24 10.30
C ARG B 186 -0.50 11.45 8.97
N ALA B 187 0.19 11.31 7.85
CA ALA B 187 -0.37 11.43 6.51
C ALA B 187 -1.41 10.37 6.21
N MET B 188 -1.40 9.22 6.84
CA MET B 188 -2.29 8.12 6.71
C MET B 188 -3.42 8.20 7.77
N GLY B 189 -3.50 9.27 8.51
CA GLY B 189 -4.52 9.44 9.51
C GLY B 189 -4.31 8.80 10.84
N ALA B 190 -3.09 8.47 11.26
CA ALA B 190 -2.89 7.87 12.58
C ALA B 190 -2.96 8.94 13.69
N THR B 191 -3.28 8.52 14.89
CA THR B 191 -3.19 9.37 16.07
C THR B 191 -1.77 9.01 16.62
N VAL B 192 -0.94 9.99 16.90
CA VAL B 192 0.39 9.70 17.44
C VAL B 192 0.32 9.92 18.94
N ILE B 193 0.70 8.92 19.71
CA ILE B 193 0.69 9.02 21.17
C ILE B 193 2.11 8.85 21.71
N HIS B 194 2.64 9.92 22.32
CA HIS B 194 3.95 9.87 22.94
C HIS B 194 3.81 9.57 24.45
N VAL B 195 4.63 8.66 24.89
CA VAL B 195 4.69 8.26 26.29
C VAL B 195 6.07 8.77 26.79
N VAL B 196 5.98 9.80 27.63
CA VAL B 196 7.17 10.44 28.16
C VAL B 196 7.21 10.42 29.69
N ARG B 197 8.42 10.40 30.22
CA ARG B 197 8.69 10.48 31.67
C ARG B 197 9.25 11.88 32.01
N PRO B 198 8.85 12.45 33.11
CA PRO B 198 9.32 13.76 33.56
C PRO B 198 10.81 13.60 33.80
N GLY B 199 11.58 14.58 33.42
CA GLY B 199 12.99 14.64 33.50
C GLY B 199 13.81 13.38 33.54
N ALA B 210 16.87 8.31 21.40
CA ALA B 210 16.45 9.67 21.74
C ALA B 210 14.95 9.75 21.41
N GLY B 211 14.33 10.91 21.56
CA GLY B 211 12.89 10.92 21.31
C GLY B 211 12.53 11.55 20.01
N LEU B 212 11.33 11.18 19.53
CA LEU B 212 10.87 11.79 18.28
C LEU B 212 10.15 13.05 18.73
N PRO B 213 10.09 14.06 17.90
CA PRO B 213 9.44 15.29 18.20
C PRO B 213 7.95 15.11 18.40
N ILE B 214 7.37 15.90 19.25
CA ILE B 214 5.98 15.97 19.59
C ILE B 214 5.43 17.17 18.78
N ARG B 215 4.67 16.84 17.77
CA ARG B 215 4.12 17.84 16.86
C ARG B 215 2.74 18.25 17.28
N ASP B 216 2.23 19.32 16.67
CA ASP B 216 0.88 19.77 17.03
C ASP B 216 -0.10 18.68 16.56
N GLY B 217 -0.99 18.33 17.47
CA GLY B 217 -1.97 17.28 17.20
C GLY B 217 -1.60 15.99 17.92
N ASP B 218 -0.31 15.74 18.18
CA ASP B 218 0.07 14.50 18.87
C ASP B 218 -0.46 14.55 20.29
N LEU B 219 -0.72 13.39 20.86
CA LEU B 219 -1.23 13.21 22.21
C LEU B 219 -0.02 12.90 23.09
N VAL B 220 -0.02 13.40 24.32
CA VAL B 220 1.18 13.08 25.14
C VAL B 220 0.72 12.45 26.43
N ILE B 221 1.31 11.33 26.82
CA ILE B 221 0.92 10.74 28.12
C ILE B 221 2.22 10.84 28.95
N THR B 222 2.15 11.56 30.06
CA THR B 222 3.34 11.74 30.92
C THR B 222 3.27 10.65 31.98
N ASN B 223 4.24 9.77 31.93
CA ASN B 223 4.26 8.64 32.86
C ASN B 223 4.96 9.12 34.13
N ASP B 224 4.28 9.89 34.94
CA ASP B 224 4.90 10.47 36.14
C ASP B 224 4.52 9.77 37.43
N GLY B 225 3.65 8.76 37.37
CA GLY B 225 3.21 8.10 38.58
C GLY B 225 3.43 6.61 38.58
N SER B 226 2.39 5.92 39.06
CA SER B 226 2.38 4.47 39.13
C SER B 226 1.81 3.82 37.85
N LEU B 227 1.86 2.49 37.85
CA LEU B 227 1.31 1.74 36.72
C LEU B 227 -0.18 2.00 36.60
N GLU B 228 -0.90 1.82 37.71
CA GLU B 228 -2.33 2.09 37.67
C GLU B 228 -2.62 3.51 37.24
N GLU B 229 -1.73 4.46 37.52
CA GLU B 229 -1.99 5.84 37.08
C GLU B 229 -1.70 5.92 35.57
N LEU B 230 -0.67 5.20 35.15
CA LEU B 230 -0.34 5.17 33.72
C LEU B 230 -1.57 4.58 33.02
N PHE B 231 -2.01 3.40 33.49
CA PHE B 231 -3.16 2.69 32.97
C PHE B 231 -4.43 3.52 32.85
N SER B 232 -4.70 4.32 33.86
CA SER B 232 -5.84 5.21 33.91
C SER B 232 -5.72 6.31 32.88
N LYS B 233 -4.47 6.77 32.65
CA LYS B 233 -4.26 7.85 31.67
C LYS B 233 -4.52 7.27 30.27
N ILE B 234 -4.10 6.02 30.06
CA ILE B 234 -4.34 5.38 28.77
C ILE B 234 -5.81 5.21 28.50
N LYS B 235 -6.58 4.68 29.45
CA LYS B 235 -8.01 4.54 29.26
C LYS B 235 -8.70 5.84 28.94
N ASN B 236 -8.36 6.92 29.62
CA ASN B 236 -9.01 8.21 29.31
C ASN B 236 -8.55 8.79 28.00
N THR B 237 -7.35 8.45 27.52
CA THR B 237 -6.88 8.98 26.24
C THR B 237 -7.56 8.25 25.10
N LEU B 238 -7.68 6.94 25.26
CA LEU B 238 -8.34 6.17 24.19
C LEU B 238 -9.81 6.59 24.15
N LYS B 239 -10.38 6.98 25.28
CA LYS B 239 -11.76 7.41 25.37
C LYS B 239 -12.18 8.50 24.40
N VAL B 240 -11.42 9.55 24.22
CA VAL B 240 -11.66 10.68 23.37
C VAL B 240 -11.05 10.61 21.98
N LEU B 241 -10.69 9.43 21.47
CA LEU B 241 -10.15 9.34 20.11
C LEU B 241 -11.35 9.27 19.12
MG MG C . 3.29 -11.70 -18.31
P DGP D . -12.20 5.44 -16.36
OP1 DGP D . -12.07 6.12 -14.99
OP2 DGP D . -13.29 6.06 -17.12
OP3 DGP D . -10.81 5.45 -17.11
O5' DGP D . -12.40 3.94 -16.07
C5' DGP D . -11.83 3.17 -15.03
C4' DGP D . -12.83 2.06 -14.76
O4' DGP D . -12.33 1.04 -13.94
C3' DGP D . -14.27 2.28 -14.49
O3' DGP D . -15.13 1.80 -15.54
C2' DGP D . -14.50 1.50 -13.21
C1' DGP D . -13.38 0.41 -13.28
N9 DGP D . -13.06 -0.21 -11.98
C8 DGP D . -13.14 -1.58 -11.74
N7 DGP D . -12.93 -1.91 -10.52
C5 DGP D . -12.79 -0.70 -9.86
C6 DGP D . -12.52 -0.44 -8.47
O6 DGP D . -12.46 -1.25 -7.56
N1 DGP D . -12.38 0.93 -8.24
C2 DGP D . -12.48 1.91 -9.21
N2 DGP D . -12.35 3.14 -8.76
N3 DGP D . -12.71 1.69 -10.49
C4 DGP D . -12.86 0.35 -10.75
MG MG E . 15.73 -16.24 -1.24
P DGP F . 12.89 -5.21 18.26
OP1 DGP F . 11.72 -4.34 18.54
OP2 DGP F . 13.84 -5.28 19.41
OP3 DGP F . 12.40 -6.68 17.92
O5' DGP F . 13.61 -4.67 16.95
C5' DGP F . 13.86 -3.24 16.83
C4' DGP F . 14.87 -2.91 15.76
O4' DGP F . 14.15 -2.15 14.68
C3' DGP F . 16.06 -2.01 16.00
O3' DGP F . 17.14 -2.58 16.71
C2' DGP F . 16.46 -1.60 14.58
C1' DGP F . 15.20 -1.91 13.72
N9 DGP F . 14.85 -0.94 12.67
C8 DGP F . 15.75 -0.69 11.58
N7 DGP F . 15.31 0.17 10.71
C5 DGP F . 14.04 0.52 11.19
C6 DGP F . 13.12 1.44 10.64
O6 DGP F . 13.28 2.10 9.64
N1 DGP F . 11.99 1.60 11.43
C2 DGP F . 11.78 0.86 12.58
N2 DGP F . 10.62 1.08 13.19
N3 DGP F . 12.62 -0.02 13.09
C4 DGP F . 13.78 -0.15 12.37
#